data_7D4B
#
_entry.id   7D4B
#
_cell.length_a   106.851
_cell.length_b   106.851
_cell.length_c   146.410
_cell.angle_alpha   90.000
_cell.angle_beta   90.000
_cell.angle_gamma   90.000
#
_symmetry.space_group_name_H-M   'P 41 21 2'
#
loop_
_entity.id
_entity.type
_entity.pdbx_description
1 polymer 'Tumor necrosis factor receptor superfamily member 9'
2 polymer 'anti-4-1BB VHH'
3 branched alpha-D-mannopyranose-(1-3)-alpha-D-mannopyranose-(1-6)-[alpha-D-mannopyranose-(1-3)]beta-D-mannopyranose-(1-4)-2-acetamido-2-deoxy-beta-D-glucopyranose-(1-4)-[alpha-L-fucopyranose-(1-6)]2-acetamido-2-deoxy-beta-D-glucopyranose
4 branched 2-acetamido-2-deoxy-beta-D-glucopyranose-(1-4)-[alpha-L-fucopyranose-(1-6)]2-acetamido-2-deoxy-beta-D-glucopyranose
5 non-polymer 'CHLORIDE ION'
6 non-polymer 'SULFATE ION'
7 non-polymer 1,2-ETHANEDIOL
8 water water
#
loop_
_entity_poly.entity_id
_entity_poly.type
_entity_poly.pdbx_seq_one_letter_code
_entity_poly.pdbx_strand_id
1 'polypeptide(L)'
;QDPCSNCPAGTFCDNNRNQICSPCPPNSFSSAGGQRTCDICRQCKGVFRTRKECSSTSNAECDCTPGFHCLGAGCSMCEQ
DCKQGQELTKKGCKDCCFGTFNDQKRGICRPWTNCSLDGKSVLVNGTKERDVVCGPSPLG
;
A
2 'polypeptide(L)'
;QVQLVESGGGVVQPGRSLRLSCAASGSTFSIVAMGWYRQAPGKQRELVASIITGDGDTNYADSVKGRFTISRDNSKNTMY
LQMNSLKPEDTAVYYCYARTGYGSSWLMGHEYDYWGQGTQVTVSSLG
;
B
#
loop_
_chem_comp.id
_chem_comp.type
_chem_comp.name
_chem_comp.formula
BMA D-saccharide, beta linking beta-D-mannopyranose 'C6 H12 O6'
CL non-polymer 'CHLORIDE ION' 'Cl -1'
EDO non-polymer 1,2-ETHANEDIOL 'C2 H6 O2'
FUC L-saccharide, alpha linking alpha-L-fucopyranose 'C6 H12 O5'
MAN D-saccharide, alpha linking alpha-D-mannopyranose 'C6 H12 O6'
NAG D-saccharide, beta linking 2-acetamido-2-deoxy-beta-D-glucopyranose 'C8 H15 N O6'
SO4 non-polymer 'SULFATE ION' 'O4 S -2'
#
# COMPACT_ATOMS: atom_id res chain seq x y z
N GLN A 1 43.17 -25.00 23.88
CA GLN A 1 43.06 -23.53 23.61
C GLN A 1 43.05 -22.79 24.95
N ASP A 2 41.86 -22.41 25.45
CA ASP A 2 41.62 -21.87 26.81
C ASP A 2 40.67 -22.85 27.51
N PRO A 3 40.73 -23.05 28.86
CA PRO A 3 39.74 -23.89 29.55
C PRO A 3 38.33 -23.43 29.27
N CYS A 4 38.19 -22.12 29.31
CA CYS A 4 36.91 -21.42 29.52
C CYS A 4 36.20 -21.16 28.17
N SER A 5 36.40 -22.00 27.18
CA SER A 5 36.03 -21.64 25.78
C SER A 5 35.00 -22.58 25.20
N ASN A 6 34.87 -23.79 25.74
CA ASN A 6 33.66 -24.62 25.52
C ASN A 6 32.57 -24.29 26.54
N CYS A 7 32.82 -23.32 27.41
CA CYS A 7 31.76 -22.80 28.31
C CYS A 7 30.56 -22.54 27.42
N PRO A 8 29.42 -23.21 27.62
CA PRO A 8 28.28 -22.97 26.74
C PRO A 8 27.59 -21.62 26.94
N ALA A 9 26.60 -21.34 26.11
CA ALA A 9 25.68 -20.23 26.37
C ALA A 9 24.85 -20.47 27.62
N GLY A 10 24.56 -19.40 28.35
CA GLY A 10 23.91 -19.48 29.64
C GLY A 10 24.89 -19.55 30.80
N THR A 11 26.20 -19.45 30.54
CA THR A 11 27.17 -19.63 31.63
C THR A 11 28.27 -18.60 31.49
N PHE A 12 29.05 -18.44 32.54
CA PHE A 12 30.25 -17.58 32.49
C PHE A 12 31.43 -18.29 33.09
N CYS A 13 32.58 -17.67 32.91
CA CYS A 13 33.84 -18.15 33.51
C CYS A 13 33.81 -17.92 34.99
N ASP A 14 33.95 -18.97 35.78
CA ASP A 14 34.07 -18.80 37.23
C ASP A 14 35.47 -19.23 37.67
N ASN A 15 36.02 -18.55 38.68
N ASN A 15 36.10 -18.46 38.55
CA ASN A 15 37.26 -18.91 39.41
CA ASN A 15 37.51 -18.70 39.00
C ASN A 15 36.96 -19.50 40.81
C ASN A 15 37.50 -19.26 40.44
N ASN A 16 36.34 -18.60 41.68
N ASN A 16 37.98 -18.46 41.41
CA ASN A 16 36.14 -19.12 43.06
CA ASN A 16 38.17 -18.95 42.81
C ASN A 16 35.63 -20.55 42.86
C ASN A 16 37.25 -20.16 43.00
N ARG A 17 36.51 -21.45 42.37
N ARG A 17 36.65 -20.70 41.92
CA ARG A 17 36.63 -22.81 43.02
CA ARG A 17 35.68 -21.85 42.00
C ARG A 17 36.69 -23.94 41.98
C ARG A 17 36.27 -23.10 41.33
N ASN A 18 35.59 -24.70 41.89
N ASN A 18 35.68 -24.26 41.67
CA ASN A 18 35.44 -26.04 41.25
CA ASN A 18 35.85 -25.58 41.00
C ASN A 18 34.46 -25.97 40.09
C ASN A 18 34.78 -25.76 39.92
N GLN A 19 33.86 -24.81 39.83
CA GLN A 19 33.02 -24.58 38.63
C GLN A 19 33.87 -23.83 37.61
N ILE A 20 34.06 -24.39 36.42
CA ILE A 20 34.58 -23.59 35.29
C ILE A 20 33.45 -22.74 34.73
N CYS A 21 32.36 -23.40 34.37
CA CYS A 21 31.24 -22.76 33.68
C CYS A 21 30.05 -22.66 34.63
N SER A 22 29.91 -21.58 35.37
CA SER A 22 28.73 -21.53 36.26
C SER A 22 27.62 -20.76 35.58
N PRO A 23 26.35 -21.14 35.81
CA PRO A 23 25.24 -20.51 35.10
C PRO A 23 25.03 -19.06 35.51
N CYS A 24 24.36 -18.35 34.62
CA CYS A 24 24.18 -16.90 34.75
C CYS A 24 23.28 -16.61 35.94
N PRO A 25 23.53 -15.51 36.70
CA PRO A 25 22.55 -15.05 37.68
C PRO A 25 21.19 -14.84 37.04
N PRO A 26 20.11 -14.66 37.83
CA PRO A 26 18.84 -14.19 37.26
C PRO A 26 18.97 -12.77 36.69
N ASN A 27 18.08 -12.46 35.75
CA ASN A 27 18.04 -11.13 35.09
C ASN A 27 19.41 -10.83 34.49
N SER A 28 20.07 -11.88 34.00
CA SER A 28 21.32 -11.79 33.22
C SER A 28 21.40 -12.98 32.26
N PHE A 29 22.23 -12.82 31.23
CA PHE A 29 22.23 -13.71 30.06
C PHE A 29 23.62 -13.69 29.45
N SER A 30 23.93 -14.73 28.71
CA SER A 30 25.13 -14.74 27.82
C SER A 30 24.86 -15.69 26.70
N SER A 31 24.75 -15.19 25.48
CA SER A 31 24.54 -16.04 24.33
C SER A 31 25.87 -16.52 23.77
N ALA A 32 26.96 -16.15 24.43
CA ALA A 32 28.28 -16.51 23.98
C ALA A 32 28.78 -17.82 24.52
N GLY A 33 30.08 -17.98 24.44
CA GLY A 33 30.74 -19.15 24.93
C GLY A 33 32.01 -18.63 25.53
N GLY A 34 32.19 -18.84 26.82
CA GLY A 34 33.40 -18.38 27.49
C GLY A 34 33.30 -16.99 28.02
N GLN A 35 32.13 -16.38 27.97
CA GLN A 35 32.11 -15.00 28.49
C GLN A 35 32.73 -14.88 29.88
N ARG A 36 33.18 -13.69 30.18
CA ARG A 36 33.88 -13.42 31.47
C ARG A 36 32.85 -13.11 32.57
N THR A 37 31.83 -12.30 32.28
CA THR A 37 30.59 -12.21 33.08
C THR A 37 29.39 -12.11 32.15
N CYS A 38 28.26 -12.46 32.72
CA CYS A 38 26.94 -12.46 32.03
C CYS A 38 26.39 -11.06 31.91
N ASP A 39 25.79 -10.71 30.79
CA ASP A 39 25.21 -9.35 30.60
C ASP A 39 23.88 -9.21 31.30
N ILE A 40 23.63 -8.05 31.90
CA ILE A 40 22.32 -7.83 32.58
C ILE A 40 21.23 -7.52 31.54
N CYS A 41 20.10 -8.24 31.64
CA CYS A 41 19.03 -8.15 30.66
C CYS A 41 18.55 -6.72 30.49
N ARG A 42 18.18 -6.40 29.27
CA ARG A 42 17.41 -5.17 28.96
C ARG A 42 16.08 -5.21 29.70
N GLN A 43 15.76 -4.07 30.26
CA GLN A 43 14.45 -3.78 30.90
C GLN A 43 13.58 -3.03 29.89
N CYS A 44 12.38 -3.53 29.63
CA CYS A 44 11.44 -2.78 28.79
C CYS A 44 10.45 -2.07 29.68
N LYS A 45 10.59 -0.76 29.89
CA LYS A 45 9.72 -0.04 30.83
C LYS A 45 9.10 1.18 30.16
N GLY A 46 8.03 1.68 30.74
CA GLY A 46 7.40 2.90 30.22
C GLY A 46 6.86 2.69 28.83
N VAL A 47 7.31 3.54 27.91
CA VAL A 47 6.93 3.47 26.48
C VAL A 47 7.11 2.05 25.98
N PHE A 48 8.21 1.40 26.30
CA PHE A 48 8.47 0.05 25.81
C PHE A 48 7.67 -1.00 26.59
N ARG A 49 7.25 -2.03 25.88
CA ARG A 49 6.72 -3.23 26.58
C ARG A 49 7.45 -4.47 26.06
N THR A 50 7.84 -5.35 26.96
CA THR A 50 8.56 -6.59 26.68
C THR A 50 7.79 -7.43 25.67
N ARG A 51 8.45 -7.81 24.59
CA ARG A 51 7.88 -8.71 23.57
C ARG A 51 8.31 -10.14 23.90
N LYS A 52 9.62 -10.36 23.81
CA LYS A 52 10.27 -11.61 24.26
C LYS A 52 10.71 -11.48 25.71
N GLU A 53 10.62 -12.58 26.43
CA GLU A 53 11.19 -12.71 27.78
C GLU A 53 12.71 -12.70 27.70
N CYS A 54 13.35 -12.31 28.80
CA CYS A 54 14.79 -12.53 28.99
C CYS A 54 15.11 -14.00 29.24
N SER A 55 16.26 -14.44 28.78
CA SER A 55 16.70 -15.83 29.03
C SER A 55 18.16 -15.79 29.34
N SER A 56 18.65 -16.79 30.06
CA SER A 56 20.11 -17.05 30.19
C SER A 56 20.87 -16.94 28.85
N THR A 57 20.31 -17.59 27.85
CA THR A 57 20.97 -17.69 26.53
C THR A 57 20.69 -16.45 25.70
N SER A 58 19.47 -15.93 25.67
CA SER A 58 19.17 -14.75 24.84
C SER A 58 18.56 -13.65 25.67
N ASN A 59 18.89 -12.43 25.28
CA ASN A 59 18.34 -11.18 25.89
C ASN A 59 16.86 -11.08 25.59
N ALA A 60 16.18 -10.30 26.40
CA ALA A 60 14.81 -9.81 26.21
C ALA A 60 14.71 -8.86 25.03
N GLU A 61 13.60 -8.91 24.30
CA GLU A 61 13.44 -8.04 23.12
C GLU A 61 12.30 -7.07 23.41
N CYS A 62 12.57 -5.79 23.27
CA CYS A 62 11.59 -4.74 23.56
C CYS A 62 10.63 -4.59 22.38
N ASP A 63 9.36 -4.62 22.72
CA ASP A 63 8.29 -4.13 21.82
C ASP A 63 8.10 -2.63 22.08
N CYS A 64 7.02 -2.07 21.58
CA CYS A 64 6.83 -0.62 21.73
C CYS A 64 5.35 -0.33 21.86
N THR A 65 4.94 0.47 22.86
CA THR A 65 3.55 0.49 23.35
C THR A 65 2.64 0.94 22.20
N PRO A 66 1.41 0.36 22.12
CA PRO A 66 0.53 0.68 21.01
C PRO A 66 0.21 2.18 21.05
N GLY A 67 0.21 2.75 19.86
CA GLY A 67 0.32 4.21 19.70
C GLY A 67 1.66 4.65 19.18
N PHE A 68 2.66 3.82 19.34
CA PHE A 68 4.08 4.07 18.97
C PHE A 68 4.53 2.92 18.10
N HIS A 69 5.68 3.14 17.44
CA HIS A 69 6.31 2.15 16.56
C HIS A 69 7.79 2.01 16.92
N CYS A 70 8.31 0.81 16.67
CA CYS A 70 9.72 0.51 16.92
C CYS A 70 10.62 1.23 15.89
N LEU A 71 11.78 1.65 16.33
CA LEU A 71 12.63 2.57 15.57
C LEU A 71 14.08 2.27 15.89
N GLY A 72 14.94 2.45 14.89
CA GLY A 72 16.36 2.09 15.00
C GLY A 72 16.53 0.60 15.11
N ALA A 73 17.73 0.17 15.45
CA ALA A 73 18.07 -1.26 15.49
C ALA A 73 17.75 -1.81 16.88
N GLY A 74 17.00 -2.91 16.90
CA GLY A 74 16.65 -3.67 18.10
C GLY A 74 15.58 -3.01 18.92
N CYS A 75 14.88 -2.04 18.35
CA CYS A 75 13.95 -1.16 19.07
C CYS A 75 14.72 -0.39 20.14
N SER A 76 15.60 0.44 19.63
CA SER A 76 16.46 1.33 20.46
C SER A 76 15.64 2.43 21.10
N MET A 77 14.68 2.97 20.37
CA MET A 77 13.73 3.99 20.87
C MET A 77 12.41 3.82 20.13
N CYS A 78 11.45 4.64 20.50
CA CYS A 78 10.02 4.43 20.20
C CYS A 78 9.43 5.76 19.78
N GLU A 79 8.93 5.87 18.57
CA GLU A 79 8.41 7.11 18.03
C GLU A 79 6.89 7.02 17.85
N GLN A 80 6.27 8.15 18.15
CA GLN A 80 4.79 8.25 18.09
C GLN A 80 4.37 8.13 16.64
N ASP A 81 3.24 7.47 16.44
CA ASP A 81 2.65 7.24 15.12
C ASP A 81 1.46 8.19 14.93
N CYS A 82 1.43 8.78 13.76
CA CYS A 82 0.25 9.48 13.22
C CYS A 82 -0.57 8.49 12.40
N LYS A 83 -1.76 8.93 12.03
CA LYS A 83 -2.61 8.25 11.01
C LYS A 83 -2.08 8.55 9.61
N GLN A 84 -2.59 7.82 8.63
CA GLN A 84 -2.22 8.13 7.24
C GLN A 84 -2.75 9.50 6.85
N GLY A 85 -2.02 10.14 5.93
CA GLY A 85 -2.32 11.50 5.47
C GLY A 85 -1.76 12.54 6.45
N GLN A 86 -0.86 12.10 7.33
CA GLN A 86 -0.14 12.96 8.25
C GLN A 86 1.27 12.43 8.38
N GLU A 87 2.15 13.33 8.79
CA GLU A 87 3.55 13.07 9.18
C GLU A 87 3.75 13.64 10.57
N LEU A 88 4.72 13.13 11.27
CA LEU A 88 5.05 13.65 12.62
C LEU A 88 5.98 14.84 12.51
N THR A 89 5.54 16.03 12.85
CA THR A 89 6.41 17.20 12.98
C THR A 89 7.08 17.34 14.36
N LYS A 90 7.77 18.45 14.53
CA LYS A 90 8.41 18.84 15.81
C LYS A 90 7.32 18.95 16.89
N LYS A 91 6.24 19.65 16.59
CA LYS A 91 5.11 19.82 17.52
C LYS A 91 4.17 18.63 17.63
N GLY A 92 4.18 17.69 16.68
CA GLY A 92 3.29 16.55 16.76
C GLY A 92 2.76 16.22 15.39
N CYS A 93 1.85 15.29 15.28
CA CYS A 93 1.27 14.98 13.94
C CYS A 93 0.71 16.22 13.26
N LYS A 94 0.89 16.31 11.96
CA LYS A 94 0.23 17.38 11.13
C LYS A 94 -0.19 16.81 9.78
N ASP A 95 -1.27 17.34 9.23
CA ASP A 95 -1.68 16.92 7.87
C ASP A 95 -0.58 17.27 6.86
N CYS A 96 -0.39 16.36 5.92
CA CYS A 96 0.45 16.55 4.73
C CYS A 96 0.12 17.85 4.01
N CYS A 97 1.19 18.54 3.62
CA CYS A 97 1.17 19.75 2.77
C CYS A 97 0.52 19.41 1.44
N PHE A 98 -0.25 20.32 0.87
CA PHE A 98 -0.95 19.99 -0.38
C PHE A 98 0.07 19.59 -1.44
N GLY A 99 -0.18 18.42 -2.03
CA GLY A 99 0.66 17.85 -3.09
C GLY A 99 1.63 16.81 -2.57
N THR A 100 1.71 16.61 -1.26
CA THR A 100 2.37 15.44 -0.65
C THR A 100 1.34 14.46 -0.10
N PHE A 101 1.84 13.28 0.25
CA PHE A 101 0.99 12.16 0.71
C PHE A 101 1.81 11.26 1.60
N ASN A 102 1.09 10.56 2.46
CA ASN A 102 1.66 9.50 3.33
C ASN A 102 0.56 8.49 3.57
N ASP A 103 0.84 7.22 3.32
CA ASP A 103 -0.15 6.15 3.39
C ASP A 103 0.14 5.20 4.55
N GLN A 104 0.90 5.68 5.54
CA GLN A 104 1.36 4.88 6.69
C GLN A 104 1.16 5.63 8.00
N LYS A 105 1.11 4.90 9.10
CA LYS A 105 1.02 5.50 10.44
C LYS A 105 2.31 6.26 10.72
N ARG A 106 3.45 5.64 10.42
CA ARG A 106 4.76 6.27 10.56
C ARG A 106 5.22 6.94 9.26
N GLY A 107 6.29 7.72 9.32
CA GLY A 107 6.97 8.22 8.13
C GLY A 107 6.68 9.68 7.87
N ILE A 108 7.15 10.10 6.72
CA ILE A 108 7.18 11.51 6.24
C ILE A 108 6.22 11.58 5.06
N CYS A 109 5.54 12.69 4.91
CA CYS A 109 4.81 12.97 3.65
C CYS A 109 5.79 13.08 2.51
N ARG A 110 5.58 12.25 1.47
CA ARG A 110 6.33 12.18 0.21
C ARG A 110 5.53 12.90 -0.84
N PRO A 111 6.12 13.35 -1.95
CA PRO A 111 5.31 14.00 -2.97
C PRO A 111 4.70 13.05 -4.00
N TRP A 112 3.50 13.42 -4.41
CA TRP A 112 2.78 12.65 -5.45
C TRP A 112 3.71 12.34 -6.60
N THR A 113 3.54 11.16 -7.19
CA THR A 113 4.20 10.81 -8.45
C THR A 113 3.79 11.78 -9.54
N ASN A 114 4.74 12.30 -10.32
CA ASN A 114 4.45 13.16 -11.47
C ASN A 114 4.32 12.23 -12.65
N CYS A 115 3.17 12.23 -13.29
CA CYS A 115 2.87 11.19 -14.30
C CYS A 115 3.49 11.56 -15.64
N SER A 116 3.46 12.86 -15.95
CA SER A 116 4.02 13.36 -17.23
C SER A 116 5.53 13.06 -17.30
N LEU A 117 6.23 13.18 -16.20
CA LEU A 117 7.68 12.93 -16.20
C LEU A 117 7.99 11.52 -16.68
N ASP A 118 7.08 10.59 -16.41
CA ASP A 118 7.27 9.18 -16.85
C ASP A 118 6.52 8.89 -18.15
N GLY A 119 5.86 9.90 -18.72
CA GLY A 119 5.29 9.77 -20.07
C GLY A 119 3.92 9.14 -20.08
N LYS A 120 3.22 9.25 -18.95
CA LYS A 120 1.83 8.75 -18.80
C LYS A 120 0.87 9.90 -18.45
N SER A 121 -0.37 9.75 -18.91
CA SER A 121 -1.51 10.55 -18.40
C SER A 121 -1.76 10.16 -16.96
N VAL A 122 -2.68 10.84 -16.32
CA VAL A 122 -3.07 10.54 -14.93
C VAL A 122 -4.35 9.74 -15.02
N LEU A 123 -4.44 8.65 -14.30
CA LEU A 123 -5.77 8.00 -14.16
C LEU A 123 -6.55 8.51 -12.96
N VAL A 124 -5.93 8.63 -11.80
CA VAL A 124 -6.62 9.04 -10.58
C VAL A 124 -5.74 10.04 -9.84
N ASN A 125 -6.31 11.17 -9.48
CA ASN A 125 -5.60 12.16 -8.65
C ASN A 125 -5.29 11.60 -7.26
N GLY A 126 -4.29 12.18 -6.65
CA GLY A 126 -3.89 11.79 -5.29
C GLY A 126 -4.67 12.51 -4.21
N THR A 127 -4.55 12.01 -3.00
CA THR A 127 -5.09 12.65 -1.78
C THR A 127 -3.94 12.80 -0.79
N LYS A 128 -4.22 13.38 0.36
CA LYS A 128 -3.24 13.36 1.47
C LYS A 128 -2.87 11.91 1.78
N GLU A 129 -3.79 11.00 1.58
CA GLU A 129 -3.61 9.61 2.06
C GLU A 129 -3.00 8.73 0.96
N ARG A 130 -3.19 9.10 -0.28
CA ARG A 130 -3.05 8.11 -1.40
C ARG A 130 -2.21 8.70 -2.51
N ASP A 131 -1.48 7.87 -3.25
CA ASP A 131 -0.68 8.43 -4.35
C ASP A 131 -1.57 8.57 -5.59
N VAL A 132 -0.96 9.20 -6.57
CA VAL A 132 -1.57 9.38 -7.90
C VAL A 132 -1.51 8.01 -8.55
N VAL A 133 -2.41 7.80 -9.48
CA VAL A 133 -2.35 6.56 -10.30
C VAL A 133 -2.15 7.00 -11.73
N CYS A 134 -0.95 6.75 -12.28
CA CYS A 134 -0.67 7.10 -13.68
C CYS A 134 -1.49 6.21 -14.59
N GLY A 135 -2.00 6.80 -15.66
CA GLY A 135 -2.71 6.05 -16.70
C GLY A 135 -1.79 5.67 -17.85
N PRO A 136 -2.33 5.59 -19.08
CA PRO A 136 -1.56 5.17 -20.23
C PRO A 136 -0.76 6.32 -20.82
N SER A 137 0.06 5.97 -21.80
CA SER A 137 0.68 6.97 -22.70
C SER A 137 -0.41 7.81 -23.37
N PRO A 138 -0.18 9.13 -23.57
CA PRO A 138 -1.14 9.98 -24.26
C PRO A 138 -1.14 9.81 -25.78
N LEU A 139 -2.27 10.15 -26.38
CA LEU A 139 -2.41 10.26 -27.84
C LEU A 139 -1.99 8.96 -28.52
N GLN B 1 -2.77 -12.02 -17.85
CA GLN B 1 -2.98 -12.26 -16.41
C GLN B 1 -4.39 -11.77 -16.10
N VAL B 2 -4.70 -10.58 -16.59
CA VAL B 2 -6.03 -9.98 -16.39
C VAL B 2 -6.68 -9.84 -17.75
N GLN B 3 -7.92 -10.27 -17.85
CA GLN B 3 -8.77 -10.05 -19.04
C GLN B 3 -9.94 -9.17 -18.67
N LEU B 4 -10.34 -8.29 -19.56
CA LEU B 4 -11.44 -7.36 -19.30
C LEU B 4 -12.38 -7.51 -20.47
N VAL B 5 -13.63 -7.71 -20.16
CA VAL B 5 -14.73 -7.84 -21.16
C VAL B 5 -15.78 -6.78 -20.88
N GLU B 6 -16.08 -5.99 -21.90
CA GLU B 6 -17.19 -5.02 -21.90
C GLU B 6 -18.51 -5.69 -22.25
N SER B 7 -19.58 -5.10 -21.70
CA SER B 7 -20.99 -5.45 -21.95
C SER B 7 -21.87 -4.19 -21.92
N GLY B 8 -22.99 -4.27 -22.58
CA GLY B 8 -24.14 -3.37 -22.32
C GLY B 8 -24.09 -2.14 -23.23
N GLY B 9 -23.40 -2.27 -24.36
CA GLY B 9 -23.42 -1.21 -25.36
C GLY B 9 -24.81 -1.04 -25.95
N GLY B 10 -24.97 -0.08 -26.84
CA GLY B 10 -26.15 -0.07 -27.73
C GLY B 10 -26.51 1.30 -28.23
N VAL B 11 -27.71 1.40 -28.80
CA VAL B 11 -28.24 2.64 -29.39
C VAL B 11 -29.35 3.18 -28.50
N VAL B 12 -29.41 4.50 -28.35
CA VAL B 12 -30.43 5.12 -27.47
C VAL B 12 -30.72 6.54 -27.93
N GLN B 13 -31.95 6.98 -27.73
CA GLN B 13 -32.33 8.40 -27.96
C GLN B 13 -31.65 9.22 -26.88
N PRO B 14 -31.33 10.51 -27.14
CA PRO B 14 -30.92 11.44 -26.10
C PRO B 14 -31.87 11.31 -24.91
N GLY B 15 -31.27 11.50 -23.76
CA GLY B 15 -31.89 11.58 -22.44
C GLY B 15 -32.11 10.23 -21.81
N ARG B 16 -32.00 9.16 -22.59
CA ARG B 16 -32.21 7.83 -22.00
C ARG B 16 -30.91 7.36 -21.35
N SER B 17 -30.98 6.28 -20.60
CA SER B 17 -29.84 5.82 -19.80
C SER B 17 -29.25 4.52 -20.37
N LEU B 18 -28.04 4.24 -20.00
CA LEU B 18 -27.39 2.96 -20.36
C LEU B 18 -26.34 2.64 -19.32
N ARG B 19 -26.06 1.36 -19.09
CA ARG B 19 -25.12 0.96 -18.00
C ARG B 19 -24.09 -0.01 -18.57
N LEU B 20 -22.87 0.50 -18.67
CA LEU B 20 -21.71 -0.29 -19.13
C LEU B 20 -21.21 -1.15 -17.99
N SER B 21 -20.79 -2.37 -18.35
CA SER B 21 -20.19 -3.36 -17.44
C SER B 21 -18.84 -3.80 -17.98
N CYS B 22 -17.89 -3.98 -17.10
CA CYS B 22 -16.55 -4.46 -17.42
C CYS B 22 -16.18 -5.53 -16.41
N ALA B 23 -16.12 -6.76 -16.92
CA ALA B 23 -15.85 -7.98 -16.15
C ALA B 23 -14.39 -8.38 -16.30
N ALA B 24 -13.70 -8.45 -15.17
CA ALA B 24 -12.31 -8.81 -15.00
C ALA B 24 -12.21 -10.28 -14.59
N SER B 25 -11.12 -10.87 -15.03
CA SER B 25 -10.90 -12.34 -15.03
C SER B 25 -9.43 -12.59 -14.76
N GLY B 26 -9.12 -13.70 -14.12
CA GLY B 26 -7.71 -14.07 -13.90
C GLY B 26 -7.17 -13.37 -12.68
N SER B 27 -6.01 -12.75 -12.80
CA SER B 27 -5.32 -12.16 -11.62
C SER B 27 -5.94 -10.84 -11.17
N THR B 28 -7.19 -10.88 -10.72
CA THR B 28 -7.94 -9.66 -10.43
C THR B 28 -7.41 -8.99 -9.18
N PHE B 29 -6.64 -9.69 -8.36
CA PHE B 29 -6.04 -9.05 -7.18
C PHE B 29 -4.98 -8.03 -7.59
N SER B 30 -4.43 -8.21 -8.79
CA SER B 30 -3.39 -7.29 -9.28
C SER B 30 -3.94 -5.86 -9.45
N ILE B 31 -5.19 -5.78 -9.85
CA ILE B 31 -5.84 -4.51 -10.17
C ILE B 31 -5.91 -3.65 -8.92
N VAL B 32 -5.65 -2.38 -9.11
CA VAL B 32 -5.59 -1.39 -8.02
C VAL B 32 -6.66 -0.35 -8.25
N ALA B 33 -6.64 0.16 -9.49
CA ALA B 33 -7.54 1.18 -10.04
C ALA B 33 -7.98 0.80 -11.46
N MET B 34 -9.12 1.33 -11.84
CA MET B 34 -9.74 1.07 -13.15
C MET B 34 -10.40 2.34 -13.66
N GLY B 35 -10.85 2.28 -14.89
CA GLY B 35 -11.45 3.48 -15.52
C GLY B 35 -12.17 3.14 -16.81
N TRP B 36 -12.91 4.11 -17.33
CA TRP B 36 -13.47 4.05 -18.69
C TRP B 36 -12.86 5.15 -19.55
N TYR B 37 -12.41 4.76 -20.75
CA TYR B 37 -11.93 5.71 -21.77
C TYR B 37 -12.95 5.72 -22.89
N ARG B 38 -13.07 6.85 -23.60
CA ARG B 38 -13.87 6.84 -24.86
C ARG B 38 -13.16 7.53 -26.01
N GLN B 39 -13.43 7.04 -27.21
CA GLN B 39 -12.79 7.43 -28.48
C GLN B 39 -13.87 7.69 -29.54
N ALA B 40 -14.03 8.96 -29.88
CA ALA B 40 -14.87 9.32 -31.03
C ALA B 40 -13.99 9.43 -32.28
N PRO B 41 -14.53 9.02 -33.45
CA PRO B 41 -13.83 9.16 -34.72
C PRO B 41 -13.49 10.64 -35.03
N GLY B 42 -12.22 10.89 -35.25
CA GLY B 42 -11.78 12.29 -35.41
C GLY B 42 -11.17 12.85 -34.18
N LYS B 43 -11.85 12.77 -33.03
CA LYS B 43 -11.34 13.38 -31.79
C LYS B 43 -10.45 12.40 -31.03
N GLN B 44 -9.85 12.87 -29.95
CA GLN B 44 -8.88 12.05 -29.18
C GLN B 44 -9.58 11.19 -28.14
N ARG B 45 -8.82 10.22 -27.63
CA ARG B 45 -9.20 9.42 -26.44
C ARG B 45 -9.28 10.33 -25.22
N GLU B 46 -10.39 10.21 -24.50
CA GLU B 46 -10.81 11.05 -23.38
C GLU B 46 -11.04 10.15 -22.16
N LEU B 47 -10.45 10.48 -21.02
CA LEU B 47 -10.81 9.70 -19.81
C LEU B 47 -12.16 10.16 -19.29
N VAL B 48 -13.04 9.21 -18.98
CA VAL B 48 -14.45 9.52 -18.67
C VAL B 48 -14.68 9.45 -17.17
N ALA B 49 -14.28 8.33 -16.59
CA ALA B 49 -14.30 8.11 -15.13
C ALA B 49 -13.21 7.12 -14.71
N SER B 50 -12.67 7.36 -13.51
CA SER B 50 -11.71 6.39 -12.91
C SER B 50 -12.17 6.04 -11.49
N ILE B 51 -11.52 5.10 -10.91
CA ILE B 51 -11.95 4.52 -9.62
C ILE B 51 -10.80 3.82 -8.96
N ILE B 52 -10.70 3.92 -7.65
CA ILE B 52 -9.78 3.10 -6.86
C ILE B 52 -10.55 1.88 -6.42
N THR B 53 -10.08 0.70 -6.78
CA THR B 53 -10.76 -0.55 -6.35
C THR B 53 -10.82 -0.63 -4.81
N GLY B 54 -9.68 -0.38 -4.17
CA GLY B 54 -9.63 -0.42 -2.70
C GLY B 54 -10.68 0.51 -2.12
N ASP B 55 -10.31 1.76 -1.97
CA ASP B 55 -11.06 2.69 -1.10
C ASP B 55 -12.34 3.13 -1.80
N GLY B 56 -12.34 3.18 -3.13
CA GLY B 56 -13.57 3.43 -3.86
C GLY B 56 -13.77 4.87 -4.28
N ASP B 57 -12.78 5.73 -4.07
CA ASP B 57 -12.79 7.11 -4.58
C ASP B 57 -13.02 7.10 -6.09
N THR B 58 -13.73 8.09 -6.58
CA THR B 58 -13.89 8.23 -8.05
C THR B 58 -13.44 9.59 -8.56
N ASN B 59 -12.80 9.62 -9.73
CA ASN B 59 -12.61 10.85 -10.51
C ASN B 59 -13.54 10.79 -11.71
N TYR B 60 -14.26 11.86 -11.93
CA TYR B 60 -15.04 12.08 -13.18
C TYR B 60 -14.45 13.19 -14.02
N ALA B 61 -14.72 13.12 -15.32
CA ALA B 61 -14.48 14.23 -16.25
C ALA B 61 -15.55 15.30 -16.12
N ASP B 62 -15.18 16.58 -16.22
CA ASP B 62 -16.20 17.65 -16.14
C ASP B 62 -17.39 17.33 -17.05
N SER B 63 -17.11 16.85 -18.25
CA SER B 63 -18.15 16.72 -19.29
C SER B 63 -19.22 15.72 -18.90
N VAL B 64 -19.05 14.98 -17.83
CA VAL B 64 -20.06 14.01 -17.42
C VAL B 64 -20.32 14.12 -15.92
N LYS B 65 -19.63 15.01 -15.20
CA LYS B 65 -19.96 15.19 -13.76
C LYS B 65 -21.46 15.31 -13.62
N GLY B 66 -22.06 14.57 -12.69
CA GLY B 66 -23.51 14.68 -12.48
C GLY B 66 -24.31 13.66 -13.26
N ARG B 67 -23.87 13.30 -14.46
CA ARG B 67 -24.71 12.49 -15.35
C ARG B 67 -24.27 11.04 -15.27
N PHE B 68 -22.97 10.80 -15.12
CA PHE B 68 -22.42 9.43 -15.09
C PHE B 68 -22.02 9.07 -13.67
N THR B 69 -22.09 7.79 -13.37
CA THR B 69 -21.68 7.23 -12.06
C THR B 69 -20.81 6.02 -12.31
N ILE B 70 -19.59 6.02 -11.82
CA ILE B 70 -18.75 4.79 -11.89
C ILE B 70 -18.79 4.08 -10.54
N SER B 71 -18.87 2.78 -10.58
CA SER B 71 -19.04 1.97 -9.36
C SER B 71 -18.36 0.65 -9.59
N ARG B 72 -18.17 -0.07 -8.49
CA ARG B 72 -17.41 -1.33 -8.49
C ARG B 72 -18.11 -2.33 -7.58
N ASP B 73 -18.04 -3.59 -7.93
CA ASP B 73 -18.51 -4.70 -7.08
C ASP B 73 -17.50 -5.83 -7.02
N ASN B 74 -16.87 -5.99 -5.88
CA ASN B 74 -15.75 -6.95 -5.74
C ASN B 74 -16.29 -8.37 -5.79
N SER B 75 -17.51 -8.58 -5.30
CA SER B 75 -18.12 -9.93 -5.24
C SER B 75 -18.19 -10.51 -6.65
N LYS B 76 -18.73 -9.71 -7.56
CA LYS B 76 -18.94 -10.06 -8.98
C LYS B 76 -17.70 -9.72 -9.83
N ASN B 77 -16.73 -9.08 -9.23
CA ASN B 77 -15.43 -8.82 -9.88
C ASN B 77 -15.65 -8.01 -11.16
N THR B 78 -16.47 -6.98 -11.03
CA THR B 78 -16.95 -6.15 -12.12
C THR B 78 -16.94 -4.66 -11.76
N MET B 79 -16.84 -3.85 -12.80
CA MET B 79 -16.94 -2.38 -12.67
C MET B 79 -18.06 -1.91 -13.56
N TYR B 80 -18.86 -0.99 -13.09
CA TYR B 80 -20.02 -0.47 -13.85
C TYR B 80 -19.79 1.01 -14.12
N LEU B 81 -20.31 1.48 -15.23
CA LEU B 81 -20.55 2.92 -15.50
C LEU B 81 -22.02 3.14 -15.82
N GLN B 82 -22.74 3.78 -14.91
CA GLN B 82 -24.13 4.19 -15.18
C GLN B 82 -24.14 5.47 -15.98
N MET B 83 -24.70 5.45 -17.18
CA MET B 83 -24.71 6.65 -18.03
C MET B 83 -26.15 7.11 -18.18
N ASN B 84 -26.47 8.22 -17.56
CA ASN B 84 -27.83 8.81 -17.64
C ASN B 84 -27.79 10.17 -18.32
N SER B 85 -28.91 10.55 -18.92
CA SER B 85 -29.00 11.83 -19.65
C SER B 85 -27.96 11.85 -20.75
N LEU B 86 -28.00 10.84 -21.61
CA LEU B 86 -27.05 10.74 -22.73
C LEU B 86 -27.26 11.89 -23.74
N LYS B 87 -26.17 12.28 -24.36
CA LYS B 87 -26.18 13.38 -25.34
C LYS B 87 -25.55 12.86 -26.62
N PRO B 88 -25.84 13.48 -27.79
CA PRO B 88 -25.09 13.17 -29.01
C PRO B 88 -23.57 13.08 -28.84
N GLU B 89 -23.01 13.96 -28.02
CA GLU B 89 -21.55 14.07 -27.86
C GLU B 89 -21.00 12.83 -27.15
N ASP B 90 -21.88 12.12 -26.46
CA ASP B 90 -21.45 10.95 -25.67
C ASP B 90 -21.17 9.76 -26.59
N THR B 91 -21.46 9.90 -27.86
CA THR B 91 -21.36 8.82 -28.83
C THR B 91 -19.87 8.62 -29.14
N ALA B 92 -19.43 7.40 -28.88
CA ALA B 92 -18.00 7.03 -28.94
C ALA B 92 -17.82 5.56 -28.61
N VAL B 93 -16.62 5.05 -28.74
CA VAL B 93 -16.31 3.67 -28.31
C VAL B 93 -15.82 3.74 -26.88
N TYR B 94 -16.46 3.01 -26.01
CA TYR B 94 -16.10 2.99 -24.58
C TYR B 94 -15.15 1.84 -24.25
N TYR B 95 -13.92 2.16 -23.88
CA TYR B 95 -12.92 1.14 -23.51
C TYR B 95 -12.79 1.09 -22.00
N CYS B 96 -12.68 -0.14 -21.47
CA CYS B 96 -12.46 -0.41 -20.04
C CYS B 96 -10.96 -0.64 -19.77
N TYR B 97 -10.44 -0.01 -18.73
CA TYR B 97 -8.99 0.09 -18.50
C TYR B 97 -8.66 -0.25 -17.05
N ALA B 98 -7.54 -0.86 -16.80
CA ALA B 98 -7.20 -1.35 -15.46
C ALA B 98 -5.72 -1.21 -15.24
N ARG B 99 -5.32 -0.85 -14.03
CA ARG B 99 -3.92 -0.66 -13.70
C ARG B 99 -3.48 -1.53 -12.53
N THR B 100 -2.18 -1.76 -12.37
CA THR B 100 -1.70 -2.74 -11.35
C THR B 100 -0.74 -2.09 -10.36
N GLY B 101 -0.72 -0.78 -10.22
CA GLY B 101 0.16 -0.20 -9.20
C GLY B 101 -0.17 1.27 -8.98
N TYR B 102 0.50 1.91 -8.05
CA TYR B 102 0.38 3.38 -7.86
C TYR B 102 1.49 4.06 -8.66
N GLY B 103 1.35 5.37 -8.82
CA GLY B 103 2.21 6.15 -9.73
C GLY B 103 2.35 5.45 -11.07
N SER B 104 3.56 5.15 -11.50
CA SER B 104 3.81 4.44 -12.75
C SER B 104 4.32 3.05 -12.39
N SER B 105 4.30 2.66 -11.11
CA SER B 105 4.65 1.30 -10.64
C SER B 105 3.63 0.27 -11.13
N TRP B 106 4.05 -0.98 -11.30
CA TRP B 106 3.20 -2.14 -11.70
C TRP B 106 3.69 -3.36 -10.94
N LEU B 107 2.80 -4.31 -10.71
CA LEU B 107 3.06 -5.54 -9.91
C LEU B 107 4.04 -6.45 -10.65
N MET B 108 5.01 -7.02 -9.94
CA MET B 108 6.19 -7.72 -10.54
C MET B 108 5.76 -8.71 -11.62
N GLY B 109 5.01 -9.74 -11.36
CA GLY B 109 4.79 -10.61 -12.50
C GLY B 109 3.76 -10.21 -13.53
N HIS B 110 3.23 -9.00 -13.43
CA HIS B 110 2.08 -8.66 -14.30
C HIS B 110 2.38 -7.46 -15.20
N GLU B 111 1.38 -7.12 -16.01
CA GLU B 111 1.37 -6.01 -16.99
C GLU B 111 1.15 -4.68 -16.27
N TYR B 112 1.75 -3.61 -16.77
CA TYR B 112 1.47 -2.27 -16.24
C TYR B 112 -0.03 -1.97 -16.37
N ASP B 113 -0.61 -2.25 -17.53
CA ASP B 113 -2.07 -2.09 -17.66
C ASP B 113 -2.69 -3.14 -18.57
N TYR B 114 -4.02 -3.10 -18.60
CA TYR B 114 -4.89 -3.98 -19.41
C TYR B 114 -6.07 -3.18 -19.98
N TRP B 115 -6.51 -3.57 -21.17
CA TRP B 115 -7.66 -2.94 -21.85
C TRP B 115 -8.72 -3.98 -22.22
N GLY B 116 -9.93 -3.53 -22.48
CA GLY B 116 -10.97 -4.39 -23.06
C GLY B 116 -11.13 -4.18 -24.55
N GLN B 117 -12.07 -4.88 -25.13
CA GLN B 117 -12.30 -4.80 -26.59
C GLN B 117 -12.95 -3.46 -26.92
N GLY B 118 -13.76 -2.93 -26.01
CA GLY B 118 -14.50 -1.72 -26.26
C GLY B 118 -15.92 -2.07 -26.61
N THR B 119 -16.87 -1.27 -26.17
CA THR B 119 -18.26 -1.33 -26.68
C THR B 119 -18.63 -0.03 -27.35
N GLN B 120 -19.51 -0.13 -28.32
CA GLN B 120 -20.03 1.04 -29.07
C GLN B 120 -21.27 1.60 -28.40
N VAL B 121 -21.29 2.92 -28.20
CA VAL B 121 -22.45 3.64 -27.63
C VAL B 121 -22.86 4.76 -28.58
N THR B 122 -24.05 4.60 -29.16
CA THR B 122 -24.61 5.53 -30.16
C THR B 122 -25.82 6.25 -29.55
N VAL B 123 -25.82 7.57 -29.65
CA VAL B 123 -27.06 8.34 -29.33
C VAL B 123 -27.46 9.30 -30.47
N SER B 124 -28.37 8.82 -31.31
CA SER B 124 -29.11 9.60 -32.31
C SER B 124 -30.57 9.16 -32.22
N SER B 125 -31.48 10.06 -32.59
CA SER B 125 -32.95 9.93 -32.46
C SER B 125 -33.52 9.48 -33.81
N LEU B 126 -34.34 8.42 -33.81
CA LEU B 126 -35.20 7.99 -34.95
C LEU B 126 -34.38 7.88 -36.25
C1 NAG C . 5.37 17.65 -13.38
C2 NAG C . 4.26 18.66 -13.03
C3 NAG C . 4.10 19.69 -14.19
C4 NAG C . 5.43 20.34 -14.63
C5 NAG C . 6.33 19.15 -14.92
C6 NAG C . 7.68 19.46 -15.54
C7 NAG C . 2.50 17.94 -11.44
C8 NAG C . 1.42 16.95 -11.02
N2 NAG C . 3.01 17.94 -12.68
O3 NAG C . 3.18 20.70 -13.84
O4 NAG C . 5.24 21.22 -15.77
O5 NAG C . 6.53 18.40 -13.71
O6 NAG C . 8.56 20.15 -14.64
O7 NAG C . 2.95 18.70 -10.61
C1 NAG C . 6.13 22.38 -15.85
C2 NAG C . 6.45 22.85 -17.30
C3 NAG C . 7.28 24.14 -17.28
C4 NAG C . 6.44 25.21 -16.59
C5 NAG C . 6.32 24.70 -15.15
C6 NAG C . 5.58 25.68 -14.25
C7 NAG C . 6.66 21.21 -19.20
C8 NAG C . 7.62 20.29 -19.93
N2 NAG C . 7.17 21.88 -18.15
O3 NAG C . 7.67 24.58 -18.59
O4 NAG C . 6.96 26.57 -16.74
O5 NAG C . 5.57 23.47 -15.12
O6 NAG C . 5.16 24.96 -13.10
O7 NAG C . 5.50 21.31 -19.59
C1 BMA C . 5.87 27.54 -16.87
C2 BMA C . 5.94 28.60 -15.75
C3 BMA C . 5.37 29.98 -16.11
C4 BMA C . 5.21 30.28 -17.59
C5 BMA C . 4.62 29.01 -18.16
C6 BMA C . 3.94 29.16 -19.52
O2 BMA C . 7.27 28.71 -15.19
O3 BMA C . 6.25 30.93 -15.53
O4 BMA C . 4.38 31.43 -17.84
O5 BMA C . 5.72 28.10 -18.19
O6 BMA C . 4.92 29.48 -20.51
C1 MAN C . 4.72 28.66 -21.69
C2 MAN C . 5.87 27.67 -21.78
C3 MAN C . 7.20 28.41 -22.07
C4 MAN C . 7.09 29.50 -23.16
C5 MAN C . 5.73 30.25 -23.21
C6 MAN C . 5.37 30.80 -24.59
O2 MAN C . 5.50 26.67 -22.76
O3 MAN C . 8.27 27.56 -22.50
O4 MAN C . 8.18 30.40 -22.91
O5 MAN C . 4.61 29.40 -22.89
O6 MAN C . 6.55 31.00 -25.37
C1 MAN C . 8.85 26.78 -21.43
C2 MAN C . 10.32 26.49 -21.81
C3 MAN C . 10.66 25.05 -22.26
C4 MAN C . 9.67 24.01 -21.74
C5 MAN C . 8.27 24.52 -22.08
C6 MAN C . 7.13 23.47 -22.03
O2 MAN C . 11.13 26.84 -20.68
O3 MAN C . 11.99 24.69 -21.85
O4 MAN C . 9.94 22.73 -22.30
O5 MAN C . 8.06 25.60 -21.16
O6 MAN C . 5.94 23.88 -22.75
C1 MAN C . 5.43 32.00 -15.05
C2 MAN C . 6.25 33.26 -15.32
C3 MAN C . 7.37 33.31 -14.29
C4 MAN C . 6.78 33.33 -12.88
C5 MAN C . 6.08 32.00 -12.67
C6 MAN C . 5.43 31.98 -11.29
O2 MAN C . 5.35 34.38 -15.33
O3 MAN C . 8.21 34.45 -14.50
O4 MAN C . 7.80 33.52 -11.90
O5 MAN C . 5.06 31.82 -13.67
O6 MAN C . 6.48 31.99 -10.32
C1 FUC C . 9.64 20.80 -15.36
C2 FUC C . 10.75 20.94 -14.35
C3 FUC C . 11.18 19.52 -14.01
C4 FUC C . 11.55 18.66 -15.23
C5 FUC C . 10.73 18.89 -16.52
C6 FUC C . 11.57 18.67 -17.78
O2 FUC C . 10.27 21.74 -13.25
O3 FUC C . 12.38 19.55 -13.25
O4 FUC C . 12.94 18.87 -15.53
O5 FUC C . 10.15 20.20 -16.57
C1 NAG D . -7.93 15.30 -11.34
C2 NAG D . -9.15 16.17 -11.32
C3 NAG D . -9.12 16.78 -12.70
C4 NAG D . -8.06 17.87 -12.67
C5 NAG D . -6.70 17.24 -12.40
C6 NAG D . -5.65 18.20 -11.80
C7 NAG D . -10.92 15.26 -9.71
C8 NAG D . -10.18 15.58 -8.42
N2 NAG D . -10.42 15.49 -10.97
O3 NAG D . -10.40 17.32 -12.98
O4 NAG D . -8.00 18.60 -13.92
O5 NAG D . -6.77 16.13 -11.50
O6 NAG D . -6.23 19.44 -11.35
O7 NAG D . -12.05 14.81 -9.63
C1 NAG D . -8.26 20.03 -13.79
C2 NAG D . -7.27 20.93 -14.56
C3 NAG D . -7.67 22.37 -14.34
C4 NAG D . -9.06 22.56 -14.96
C5 NAG D . -9.99 21.71 -14.09
C6 NAG D . -11.47 21.92 -14.41
C7 NAG D . -4.89 20.46 -15.04
C8 NAG D . -3.46 20.78 -14.65
N2 NAG D . -5.85 20.93 -14.22
O3 NAG D . -6.64 23.22 -14.84
O4 NAG D . -9.46 23.94 -15.04
O5 NAG D . -9.60 20.34 -14.22
O6 NAG D . -11.74 21.73 -15.80
O7 NAG D . -5.13 19.83 -16.05
C1 FUC D . -5.48 20.20 -10.36
C2 FUC D . -6.39 21.38 -9.99
C3 FUC D . -7.58 20.88 -9.16
C4 FUC D . -7.07 20.11 -7.95
C5 FUC D . -6.25 18.93 -8.45
C6 FUC D . -5.91 17.94 -7.31
O2 FUC D . -6.85 22.03 -11.19
O3 FUC D . -8.45 21.94 -8.72
O4 FUC D . -6.25 20.98 -7.16
O5 FUC D . -5.11 19.49 -9.17
CL CL E . 6.44 1.01 33.79
CL CL F . 6.81 -1.74 14.98
S SO4 G . 8.50 18.68 5.39
O1 SO4 G . 9.67 18.10 4.75
O2 SO4 G . 7.30 18.20 4.76
O3 SO4 G . 8.52 20.13 5.26
O4 SO4 G . 8.51 18.30 6.79
S SO4 H . 4.11 26.64 5.39
O1 SO4 H . 3.65 26.27 4.08
O2 SO4 H . 4.74 27.93 5.33
O3 SO4 H . 2.99 26.69 6.31
O4 SO4 H . 5.07 25.67 5.86
CL CL I . -25.64 -7.54 -12.16
C1 EDO J . -13.44 -5.68 -9.37
O1 EDO J . -13.54 -4.43 -8.73
C2 EDO J . -12.11 -5.90 -9.98
O2 EDO J . -11.08 -6.05 -9.00
C1 EDO K . -17.01 19.64 -8.98
O1 EDO K . -17.63 18.37 -8.83
C2 EDO K . -16.27 20.08 -7.76
O2 EDO K . -14.93 19.62 -7.71
S SO4 L . 8.83 -7.47 -14.20
O1 SO4 L . 9.74 -8.08 -15.13
O2 SO4 L . 7.47 -7.67 -14.67
O3 SO4 L . 8.99 -8.06 -12.90
O4 SO4 L . 9.13 -6.06 -14.11
#